data_8X4K
#
_entry.id   8X4K
#
_cell.length_a   42.140
_cell.length_b   63.257
_cell.length_c   184.962
_cell.angle_alpha   90.00
_cell.angle_beta   90.00
_cell.angle_gamma   90.00
#
_symmetry.space_group_name_H-M   'P 21 21 21'
#
loop_
_entity.id
_entity.type
_entity.pdbx_description
1 polymer 'Subversion of eukaryotic traffic protein A'
2 non-polymer "URIDINE-5'-DIPHOSPHATE"
3 non-polymer 'MAGNESIUM ION'
4 non-polymer beta-D-glucopyranose
5 non-polymer 'SULFATE ION'
6 water water
#
_entity_poly.entity_id   1
_entity_poly.type   'polypeptide(L)'
_entity_poly.pdbx_seq_one_letter_code
;MAQIDKKIHFIWVGHIMPQKNIQVVSEWAEKNPGYETIIWVDKKIAPAKELDLFILDMKSKGITVKDINEEGVCRDSIRH
ELDQESPNYGMVSDMLRLNILAAEGGIYLDSDILCSAPFPDEIYAPFGFLLSPWSQGANNTLCNDIILCSKGNQIIQQLA
DAIEQSYIARDSFEFTHEYASMKETKGERIAKTLGVTGPGFLFHQLKKMGILNDKSEMEAIHWELQDQRYLIDGSVKEPD
YFYVPQNNTNDASWVPSIKRPGIENMSFQERLENAVQLIAFDIQKTGLFNLDHYANELKVKQNSWCIAAETSPELKPDSY
LLIRPRDKTGEWTLYYVDEDKKLNPVTLPVIKGAIKLSEVSDPLRKFHTLLSQVSDPVNPTAHELKQIGRALIELKPRQD
EWHCKNKWSGAEEIAQELWQRITSNETLRAQIKQCFTQFESLKPRVAELGLEHHHHHH
;
_entity_poly.pdbx_strand_id   A
#
# COMPACT_ATOMS: atom_id res chain seq x y z
N ALA A 2 0.74 -31.58 9.56
CA ALA A 2 1.85 -31.04 8.75
C ALA A 2 2.53 -29.96 9.58
N GLN A 3 3.86 -29.85 9.43
CA GLN A 3 4.62 -28.84 10.14
C GLN A 3 4.45 -27.50 9.42
N ILE A 4 4.33 -26.43 10.21
CA ILE A 4 4.42 -25.07 9.69
C ILE A 4 5.86 -24.79 9.25
N ASP A 5 6.04 -24.39 7.98
CA ASP A 5 7.38 -24.11 7.48
C ASP A 5 8.03 -23.01 8.31
N LYS A 6 9.33 -23.10 8.51
CA LYS A 6 10.02 -22.22 9.45
C LYS A 6 10.39 -20.90 8.76
N LYS A 7 9.35 -20.15 8.39
CA LYS A 7 9.55 -18.83 7.78
C LYS A 7 8.55 -17.86 8.42
N ILE A 8 8.97 -16.63 8.71
CA ILE A 8 8.03 -15.58 9.22
C ILE A 8 7.98 -14.52 8.12
N HIS A 9 6.80 -14.22 7.63
CA HIS A 9 6.66 -13.35 6.47
C HIS A 9 6.00 -12.05 6.91
N PHE A 10 6.62 -10.92 6.53
CA PHE A 10 6.05 -9.60 6.63
C PHE A 10 5.94 -9.03 5.22
N ILE A 11 4.94 -8.17 5.01
CA ILE A 11 4.74 -7.52 3.71
C ILE A 11 4.84 -6.00 3.89
N TRP A 12 5.56 -5.35 2.98
CA TRP A 12 5.42 -3.89 2.91
C TRP A 12 5.56 -3.43 1.46
N VAL A 13 4.46 -2.93 0.89
CA VAL A 13 4.49 -2.46 -0.50
C VAL A 13 4.25 -0.96 -0.55
N GLY A 14 4.65 -0.33 -1.65
CA GLY A 14 4.52 1.10 -1.81
C GLY A 14 5.88 1.75 -1.65
N HIS A 15 6.00 2.59 -0.62
CA HIS A 15 7.28 3.15 -0.24
C HIS A 15 7.92 2.13 0.72
N ILE A 16 9.04 2.55 1.30
CA ILE A 16 9.89 1.73 2.15
C ILE A 16 9.18 1.55 3.49
N MET A 17 9.32 0.37 4.10
CA MET A 17 8.70 0.11 5.38
C MET A 17 9.20 1.16 6.37
N PRO A 18 8.33 1.75 7.22
CA PRO A 18 8.76 2.68 8.25
C PRO A 18 9.67 2.04 9.29
N GLN A 19 10.49 2.88 9.90
CA GLN A 19 11.52 2.45 10.83
C GLN A 19 10.88 1.72 12.00
N LYS A 20 9.73 2.20 12.46
CA LYS A 20 9.06 1.55 13.57
C LYS A 20 8.76 0.08 13.24
N ASN A 21 8.25 -0.17 12.01
CA ASN A 21 7.89 -1.51 11.59
C ASN A 21 9.14 -2.38 11.42
N ILE A 22 10.22 -1.78 10.90
CA ILE A 22 11.49 -2.48 10.76
C ILE A 22 11.95 -2.98 12.12
N GLN A 23 11.81 -2.13 13.14
CA GLN A 23 12.21 -2.50 14.49
C GLN A 23 11.37 -3.67 14.98
N VAL A 24 10.08 -3.68 14.64
CA VAL A 24 9.20 -4.77 15.05
C VAL A 24 9.67 -6.05 14.37
N VAL A 25 10.01 -5.98 13.07
CA VAL A 25 10.42 -7.15 12.33
C VAL A 25 11.74 -7.71 12.87
N SER A 26 12.67 -6.80 13.21
CA SER A 26 13.99 -7.16 13.72
C SER A 26 13.83 -7.91 15.04
N GLU A 27 12.86 -7.50 15.83
CA GLU A 27 12.60 -8.15 17.10
C GLU A 27 12.05 -9.55 16.87
N TRP A 28 11.14 -9.71 15.88
CA TRP A 28 10.68 -11.05 15.54
C TRP A 28 11.85 -11.93 15.14
N ALA A 29 12.71 -11.38 14.26
CA ALA A 29 13.78 -12.14 13.64
C ALA A 29 14.76 -12.60 14.72
N GLU A 30 15.09 -11.68 15.63
CA GLU A 30 16.05 -11.96 16.69
C GLU A 30 15.49 -12.96 17.70
N LYS A 31 14.21 -12.86 18.04
CA LYS A 31 13.66 -13.79 19.01
C LYS A 31 13.34 -15.15 18.41
N ASN A 32 13.37 -15.27 17.08
CA ASN A 32 13.00 -16.53 16.46
C ASN A 32 14.09 -16.92 15.47
N PRO A 33 15.35 -17.17 15.92
CA PRO A 33 16.47 -17.37 15.00
C PRO A 33 16.42 -18.65 14.17
N GLY A 34 15.67 -19.64 14.64
CA GLY A 34 15.44 -20.84 13.87
C GLY A 34 14.44 -20.64 12.72
N TYR A 35 13.84 -19.46 12.63
CA TYR A 35 12.93 -19.15 11.52
C TYR A 35 13.61 -18.14 10.60
N GLU A 36 13.44 -18.33 9.28
CA GLU A 36 13.83 -17.30 8.33
C GLU A 36 12.78 -16.20 8.28
N THR A 37 13.21 -14.96 8.58
CA THR A 37 12.35 -13.80 8.52
C THR A 37 12.52 -13.14 7.16
N ILE A 38 11.38 -12.92 6.51
CA ILE A 38 11.32 -12.38 5.16
C ILE A 38 10.40 -11.18 5.17
N ILE A 39 10.88 -10.08 4.57
CA ILE A 39 10.06 -8.97 4.17
C ILE A 39 9.81 -9.03 2.65
N TRP A 40 8.53 -8.97 2.28
CA TRP A 40 8.12 -8.96 0.88
C TRP A 40 7.81 -7.56 0.40
N VAL A 41 8.29 -7.21 -0.82
CA VAL A 41 8.15 -5.88 -1.37
C VAL A 41 7.70 -6.04 -2.81
N ASP A 42 7.32 -4.89 -3.41
CA ASP A 42 7.04 -4.83 -4.83
C ASP A 42 8.00 -3.84 -5.48
N LYS A 43 9.01 -4.37 -6.16
CA LYS A 43 9.97 -3.51 -6.84
C LYS A 43 9.31 -2.72 -7.95
N LYS A 44 8.18 -3.16 -8.50
CA LYS A 44 7.62 -2.41 -9.62
C LYS A 44 7.04 -1.05 -9.22
N ILE A 45 6.56 -0.82 -7.98
CA ILE A 45 6.07 0.50 -7.65
C ILE A 45 7.01 1.22 -6.69
N ALA A 46 8.01 0.52 -6.16
CA ALA A 46 8.87 1.09 -5.13
C ALA A 46 9.83 2.10 -5.75
N PRO A 47 10.31 3.12 -5.02
CA PRO A 47 11.39 3.97 -5.54
C PRO A 47 12.71 3.19 -5.51
N ALA A 48 13.39 3.08 -6.67
CA ALA A 48 14.49 2.14 -6.83
C ALA A 48 15.64 2.38 -5.85
N LYS A 49 16.09 3.64 -5.73
CA LYS A 49 17.27 3.97 -4.93
C LYS A 49 16.99 3.66 -3.46
N GLU A 50 15.82 4.10 -2.97
CA GLU A 50 15.46 3.91 -1.58
C GLU A 50 15.29 2.43 -1.27
N LEU A 51 14.66 1.69 -2.18
CA LEU A 51 14.48 0.26 -1.97
C LEU A 51 15.84 -0.45 -1.93
N ASP A 52 16.77 -0.08 -2.84
CA ASP A 52 18.09 -0.69 -2.85
C ASP A 52 18.78 -0.46 -1.50
N LEU A 53 18.72 0.76 -0.95
CA LEU A 53 19.30 1.04 0.35
C LEU A 53 18.58 0.26 1.44
N PHE A 54 17.25 0.12 1.31
CA PHE A 54 16.50 -0.63 2.31
C PHE A 54 16.95 -2.09 2.27
N ILE A 55 17.13 -2.65 1.07
CA ILE A 55 17.47 -4.05 0.94
C ILE A 55 18.85 -4.31 1.55
N LEU A 56 19.79 -3.40 1.31
CA LEU A 56 21.13 -3.55 1.85
C LEU A 56 21.09 -3.52 3.37
N ASP A 57 20.29 -2.61 3.92
CA ASP A 57 20.10 -2.53 5.36
C ASP A 57 19.57 -3.85 5.89
N MET A 58 18.62 -4.46 5.16
CA MET A 58 17.97 -5.66 5.68
C MET A 58 18.95 -6.83 5.64
N LYS A 59 19.76 -6.91 4.58
CA LYS A 59 20.81 -7.92 4.46
C LYS A 59 21.79 -7.79 5.62
N SER A 60 22.22 -6.55 5.90
CA SER A 60 23.14 -6.34 7.00
C SER A 60 22.51 -6.82 8.31
N LYS A 61 21.17 -6.82 8.39
CA LYS A 61 20.51 -7.23 9.62
C LYS A 61 20.15 -8.71 9.60
N GLY A 62 20.47 -9.41 8.53
CA GLY A 62 20.10 -10.81 8.37
C GLY A 62 18.61 -11.04 8.12
N ILE A 63 17.91 -10.05 7.54
CA ILE A 63 16.54 -10.24 7.14
C ILE A 63 16.53 -10.41 5.62
N THR A 64 15.91 -11.49 5.15
CA THR A 64 15.70 -11.73 3.73
C THR A 64 14.66 -10.76 3.17
N VAL A 65 14.90 -10.24 1.97
CA VAL A 65 13.90 -9.46 1.27
C VAL A 65 13.59 -10.20 0.00
N LYS A 66 12.29 -10.43 -0.23
CA LYS A 66 11.85 -11.01 -1.49
C LYS A 66 10.90 -10.08 -2.23
N ASP A 67 10.94 -10.17 -3.55
CA ASP A 67 10.09 -9.39 -4.43
C ASP A 67 8.92 -10.27 -4.90
N ILE A 68 7.70 -9.73 -4.83
CA ILE A 68 6.52 -10.53 -5.14
C ILE A 68 6.50 -10.96 -6.61
N ASN A 69 7.07 -10.15 -7.53
CA ASN A 69 7.09 -10.49 -8.96
C ASN A 69 8.16 -11.55 -9.24
N GLU A 70 9.34 -11.37 -8.65
CA GLU A 70 10.43 -12.32 -8.86
C GLU A 70 10.01 -13.71 -8.41
N GLU A 71 9.24 -13.77 -7.32
CA GLU A 71 8.88 -15.05 -6.74
C GLU A 71 7.60 -15.56 -7.37
N GLY A 72 6.91 -14.78 -8.22
CA GLY A 72 5.77 -15.33 -8.94
C GLY A 72 4.49 -15.42 -8.11
N VAL A 73 4.38 -14.63 -7.03
CA VAL A 73 3.22 -14.68 -6.15
C VAL A 73 2.27 -13.51 -6.37
N CYS A 74 2.60 -12.63 -7.34
CA CYS A 74 1.77 -11.48 -7.65
C CYS A 74 0.80 -11.81 -8.78
N ARG A 75 -0.44 -12.17 -8.44
CA ARG A 75 -1.47 -12.42 -9.43
C ARG A 75 -1.80 -11.11 -10.16
N ASP A 76 -2.34 -11.21 -11.37
CA ASP A 76 -2.70 -10.04 -12.15
C ASP A 76 -3.69 -9.18 -11.37
N SER A 77 -4.56 -9.78 -10.54
CA SER A 77 -5.49 -9.01 -9.74
C SER A 77 -4.76 -8.11 -8.73
N ILE A 78 -3.68 -8.65 -8.16
CA ILE A 78 -2.91 -7.92 -7.18
C ILE A 78 -2.12 -6.82 -7.89
N ARG A 79 -1.51 -7.15 -9.04
CA ARG A 79 -0.82 -6.15 -9.86
C ARG A 79 -1.77 -4.99 -10.16
N HIS A 80 -3.04 -5.33 -10.46
CA HIS A 80 -4.05 -4.33 -10.76
C HIS A 80 -4.18 -3.29 -9.64
N GLU A 81 -4.30 -3.74 -8.38
CA GLU A 81 -4.44 -2.81 -7.28
C GLU A 81 -3.15 -2.02 -7.08
N LEU A 82 -1.98 -2.67 -7.17
CA LEU A 82 -0.71 -1.98 -6.91
C LEU A 82 -0.43 -0.88 -7.93
N ASP A 83 -0.89 -1.06 -9.17
CA ASP A 83 -0.65 -0.11 -10.23
C ASP A 83 -1.64 1.07 -10.20
N GLN A 84 -2.65 1.03 -9.34
CA GLN A 84 -3.48 2.20 -9.15
C GLN A 84 -2.61 3.36 -8.73
N GLU A 85 -3.07 4.59 -8.97
CA GLU A 85 -2.31 5.76 -8.54
C GLU A 85 -2.27 5.88 -7.03
N SER A 86 -3.33 5.44 -6.34
CA SER A 86 -3.38 5.44 -4.88
C SER A 86 -3.82 4.07 -4.44
N PRO A 87 -2.93 3.05 -4.36
CA PRO A 87 -3.38 1.69 -4.10
C PRO A 87 -3.93 1.63 -2.70
N ASN A 88 -4.82 0.64 -2.54
CA ASN A 88 -5.23 0.22 -1.21
C ASN A 88 -4.27 -0.89 -0.79
N TYR A 89 -3.30 -0.53 0.03
CA TYR A 89 -2.24 -1.46 0.39
C TYR A 89 -2.73 -2.51 1.40
N GLY A 90 -3.83 -2.19 2.12
CA GLY A 90 -4.49 -3.19 2.94
C GLY A 90 -5.08 -4.32 2.09
N MET A 91 -5.82 -3.99 1.02
CA MET A 91 -6.29 -4.99 0.07
C MET A 91 -5.11 -5.74 -0.52
N VAL A 92 -4.05 -5.02 -0.92
CA VAL A 92 -2.93 -5.70 -1.56
C VAL A 92 -2.31 -6.73 -0.60
N SER A 93 -2.01 -6.29 0.61
CA SER A 93 -1.38 -7.14 1.62
C SER A 93 -2.30 -8.31 1.98
N ASP A 94 -3.61 -8.06 2.06
CA ASP A 94 -4.60 -9.08 2.40
C ASP A 94 -4.57 -10.21 1.38
N MET A 95 -4.31 -9.87 0.11
CA MET A 95 -4.26 -10.84 -0.97
C MET A 95 -2.89 -11.49 -1.07
N LEU A 96 -1.83 -10.69 -0.95
CA LEU A 96 -0.45 -11.21 -1.02
C LEU A 96 -0.20 -12.23 0.07
N ARG A 97 -0.68 -11.99 1.30
CA ARG A 97 -0.33 -12.89 2.38
C ARG A 97 -0.79 -14.31 2.07
N LEU A 98 -1.95 -14.46 1.42
CA LEU A 98 -2.45 -15.80 1.13
C LEU A 98 -1.62 -16.47 0.02
N ASN A 99 -1.18 -15.69 -0.95
CA ASN A 99 -0.41 -16.20 -2.08
C ASN A 99 1.00 -16.62 -1.63
N ILE A 100 1.59 -15.78 -0.81
CA ILE A 100 2.89 -16.03 -0.21
C ILE A 100 2.85 -17.33 0.58
N LEU A 101 1.82 -17.48 1.43
CA LEU A 101 1.76 -18.65 2.27
C LEU A 101 1.55 -19.91 1.43
N ALA A 102 0.68 -19.84 0.40
CA ALA A 102 0.48 -20.98 -0.48
C ALA A 102 1.80 -21.41 -1.12
N ALA A 103 2.62 -20.43 -1.52
CA ALA A 103 3.86 -20.70 -2.25
C ALA A 103 4.98 -21.22 -1.35
N GLU A 104 5.06 -20.72 -0.11
CA GLU A 104 6.21 -20.94 0.73
C GLU A 104 5.87 -21.64 2.03
N GLY A 105 4.63 -21.57 2.47
CA GLY A 105 4.31 -21.96 3.84
C GLY A 105 4.90 -20.98 4.86
N GLY A 106 4.55 -21.15 6.13
CA GLY A 106 5.15 -20.36 7.19
C GLY A 106 4.10 -19.59 7.99
N ILE A 107 4.57 -18.49 8.55
CA ILE A 107 3.72 -17.65 9.42
C ILE A 107 3.67 -16.22 8.88
N TYR A 108 2.49 -15.76 8.50
CA TYR A 108 2.36 -14.34 8.11
C TYR A 108 2.06 -13.54 9.36
N LEU A 109 2.73 -12.40 9.52
CA LEU A 109 2.43 -11.51 10.67
C LEU A 109 2.39 -10.05 10.19
N ASP A 110 1.45 -9.27 10.71
CA ASP A 110 1.50 -7.81 10.46
C ASP A 110 2.73 -7.27 11.20
N SER A 111 3.25 -6.10 10.80
CA SER A 111 4.40 -5.46 11.47
C SER A 111 3.93 -4.58 12.65
N ASP A 112 2.65 -4.66 13.05
CA ASP A 112 2.11 -3.94 14.19
C ASP A 112 1.67 -4.92 15.30
N ILE A 113 2.35 -6.09 15.35
CA ILE A 113 2.22 -7.09 16.40
C ILE A 113 3.61 -7.30 16.98
N LEU A 114 3.73 -7.26 18.32
CA LEU A 114 5.02 -7.47 18.97
C LEU A 114 5.12 -8.91 19.44
N CYS A 115 6.37 -9.39 19.44
CA CYS A 115 6.73 -10.72 19.90
C CYS A 115 6.93 -10.73 21.41
N SER A 116 6.04 -11.44 22.09
CA SER A 116 6.03 -11.59 23.53
C SER A 116 6.77 -12.86 23.95
N ALA A 117 6.78 -13.88 23.09
CA ALA A 117 7.50 -15.12 23.34
C ALA A 117 7.84 -15.74 21.98
N PRO A 118 8.98 -16.43 21.86
CA PRO A 118 9.35 -17.11 20.62
C PRO A 118 8.40 -18.25 20.27
N PHE A 119 8.29 -18.50 18.97
CA PHE A 119 7.51 -19.65 18.52
C PHE A 119 8.21 -20.93 18.95
N PRO A 120 7.46 -22.05 19.09
CA PRO A 120 8.11 -23.36 19.22
C PRO A 120 8.99 -23.65 18.00
N ASP A 121 10.04 -24.45 18.22
CA ASP A 121 10.94 -24.89 17.18
C ASP A 121 10.20 -25.65 16.08
N GLU A 122 9.12 -26.34 16.44
CA GLU A 122 8.29 -27.00 15.45
C GLU A 122 6.84 -26.75 15.83
N ILE A 123 6.04 -26.27 14.89
CA ILE A 123 4.60 -26.15 15.07
C ILE A 123 3.95 -27.17 14.14
N TYR A 124 3.07 -27.98 14.70
CA TYR A 124 2.43 -29.03 13.92
C TYR A 124 0.94 -28.69 13.84
N ALA A 125 0.39 -28.66 12.62
CA ALA A 125 -0.99 -28.25 12.37
C ALA A 125 -1.76 -29.43 11.82
N PRO A 126 -2.82 -29.89 12.53
CA PRO A 126 -3.61 -31.03 12.07
C PRO A 126 -4.10 -30.89 10.65
N PHE A 127 -4.52 -29.67 10.24
CA PHE A 127 -5.03 -29.48 8.89
C PHE A 127 -4.13 -28.56 8.08
N GLY A 128 -2.89 -28.37 8.52
CA GLY A 128 -1.91 -27.62 7.73
C GLY A 128 -2.15 -26.12 7.70
N PHE A 129 -3.09 -25.62 8.50
CA PHE A 129 -3.54 -24.24 8.52
C PHE A 129 -3.94 -23.89 9.96
N LEU A 130 -3.44 -22.75 10.48
CA LEU A 130 -3.81 -22.27 11.79
C LEU A 130 -4.07 -20.75 11.74
N LEU A 131 -5.04 -20.36 12.57
CA LEU A 131 -5.33 -18.98 12.89
C LEU A 131 -5.06 -18.75 14.38
N SER A 132 -4.96 -17.46 14.74
CA SER A 132 -4.85 -17.04 16.13
C SER A 132 -6.24 -16.67 16.64
N PRO A 133 -6.63 -17.06 17.89
CA PRO A 133 -7.88 -16.57 18.48
C PRO A 133 -7.74 -15.14 18.99
N TRP A 134 -6.49 -14.66 19.00
CA TRP A 134 -6.11 -13.34 19.44
C TRP A 134 -5.81 -12.43 18.26
N SER A 135 -6.27 -11.19 18.35
CA SER A 135 -5.83 -10.13 17.43
C SER A 135 -6.01 -8.76 18.07
N GLN A 136 -5.00 -7.90 17.87
CA GLN A 136 -5.07 -6.50 18.23
C GLN A 136 -5.50 -6.37 19.70
N GLY A 137 -4.97 -7.24 20.55
CA GLY A 137 -5.20 -7.13 21.99
C GLY A 137 -6.49 -7.80 22.45
N ALA A 138 -7.25 -8.41 21.53
CA ALA A 138 -8.53 -9.01 21.90
C ALA A 138 -8.45 -10.52 21.75
N ASN A 139 -9.08 -11.25 22.69
CA ASN A 139 -9.13 -12.69 22.61
C ASN A 139 -10.47 -13.15 22.09
N ASN A 140 -10.49 -14.39 21.62
CA ASN A 140 -11.68 -15.03 21.09
C ASN A 140 -12.25 -14.19 19.96
N THR A 141 -11.40 -13.93 18.95
CA THR A 141 -11.78 -13.05 17.85
C THR A 141 -11.24 -13.65 16.54
N LEU A 142 -11.60 -13.04 15.42
CA LEU A 142 -11.08 -13.51 14.14
C LEU A 142 -10.40 -12.35 13.45
N CYS A 143 -9.23 -12.62 12.90
CA CYS A 143 -8.54 -11.62 12.11
C CYS A 143 -7.62 -12.35 11.14
N ASN A 144 -7.05 -11.58 10.23
CA ASN A 144 -6.27 -12.16 9.15
C ASN A 144 -4.82 -11.69 9.28
N ASP A 145 -4.42 -11.15 10.47
CA ASP A 145 -3.12 -10.54 10.65
C ASP A 145 -2.12 -11.55 11.21
N ILE A 146 -2.57 -12.77 11.52
CA ILE A 146 -1.71 -13.87 11.93
C ILE A 146 -2.25 -15.12 11.25
N ILE A 147 -1.44 -15.76 10.39
CA ILE A 147 -1.89 -16.91 9.61
C ILE A 147 -0.69 -17.83 9.48
N LEU A 148 -0.87 -19.14 9.76
CA LEU A 148 0.22 -20.11 9.68
C LEU A 148 -0.25 -21.20 8.74
N CYS A 149 0.65 -21.68 7.87
CA CYS A 149 0.29 -22.85 7.11
C CYS A 149 1.53 -23.65 6.70
N SER A 150 1.26 -24.88 6.26
CA SER A 150 2.27 -25.67 5.59
C SER A 150 2.22 -25.36 4.09
N LYS A 151 3.40 -25.31 3.49
CA LYS A 151 3.49 -24.97 2.08
C LYS A 151 2.52 -25.76 1.23
N GLY A 152 1.79 -25.07 0.36
CA GLY A 152 0.89 -25.70 -0.58
C GLY A 152 -0.45 -26.11 0.03
N ASN A 153 -0.73 -25.68 1.27
CA ASN A 153 -1.95 -26.06 1.96
C ASN A 153 -3.19 -25.69 1.14
N GLN A 154 -4.14 -26.64 1.02
CA GLN A 154 -5.31 -26.45 0.16
C GLN A 154 -6.31 -25.42 0.71
N ILE A 155 -6.41 -25.25 2.02
CA ILE A 155 -7.29 -24.22 2.55
C ILE A 155 -6.73 -22.87 2.12
N ILE A 156 -5.43 -22.68 2.33
CA ILE A 156 -4.82 -21.39 1.98
C ILE A 156 -4.98 -21.16 0.47
N GLN A 157 -4.86 -22.21 -0.33
CA GLN A 157 -4.98 -22.05 -1.79
C GLN A 157 -6.41 -21.66 -2.15
N GLN A 158 -7.40 -22.30 -1.51
CA GLN A 158 -8.80 -21.95 -1.74
C GLN A 158 -9.05 -20.50 -1.32
N LEU A 159 -8.49 -20.05 -0.20
CA LEU A 159 -8.66 -18.68 0.24
C LEU A 159 -8.02 -17.70 -0.76
N ALA A 160 -6.83 -18.04 -1.28
CA ALA A 160 -6.16 -17.18 -2.26
C ALA A 160 -7.03 -17.02 -3.52
N ASP A 161 -7.59 -18.12 -4.03
CA ASP A 161 -8.49 -18.07 -5.17
C ASP A 161 -9.76 -17.29 -4.90
N ALA A 162 -10.35 -17.51 -3.72
CA ALA A 162 -11.58 -16.83 -3.35
C ALA A 162 -11.34 -15.33 -3.16
N ILE A 163 -10.22 -14.92 -2.58
CA ILE A 163 -10.00 -13.50 -2.36
C ILE A 163 -9.77 -12.76 -3.69
N GLU A 164 -9.18 -13.43 -4.68
CA GLU A 164 -9.08 -12.86 -6.01
C GLU A 164 -10.49 -12.56 -6.57
N GLN A 165 -11.38 -13.55 -6.45
CA GLN A 165 -12.75 -13.39 -6.95
C GLN A 165 -13.45 -12.26 -6.19
N SER A 166 -13.21 -12.19 -4.88
CA SER A 166 -13.84 -11.19 -4.05
C SER A 166 -13.36 -9.81 -4.47
N TYR A 167 -12.06 -9.70 -4.72
CA TYR A 167 -11.46 -8.43 -5.09
C TYR A 167 -11.96 -7.98 -6.46
N ILE A 168 -11.95 -8.89 -7.43
CA ILE A 168 -12.44 -8.62 -8.77
C ILE A 168 -13.86 -8.06 -8.75
N ALA A 169 -14.68 -8.51 -7.78
CA ALA A 169 -16.08 -8.13 -7.66
C ALA A 169 -16.30 -6.95 -6.71
N ARG A 170 -15.25 -6.21 -6.37
CA ARG A 170 -15.28 -5.21 -5.30
C ARG A 170 -16.26 -4.05 -5.62
N ASP A 171 -16.35 -3.62 -6.89
CA ASP A 171 -17.31 -2.60 -7.26
C ASP A 171 -18.76 -3.04 -7.00
N SER A 172 -19.03 -4.36 -7.00
CA SER A 172 -20.36 -4.87 -6.74
C SER A 172 -20.63 -5.01 -5.24
N PHE A 173 -19.71 -4.57 -4.38
CA PHE A 173 -19.88 -4.82 -2.97
C PHE A 173 -21.05 -3.97 -2.48
N GLU A 174 -22.10 -4.62 -1.96
CA GLU A 174 -23.21 -3.91 -1.33
C GLU A 174 -22.92 -3.78 0.16
N PHE A 175 -23.18 -2.58 0.69
CA PHE A 175 -23.04 -2.32 2.10
C PHE A 175 -24.35 -2.68 2.80
N THR A 176 -24.64 -3.98 2.92
CA THR A 176 -25.79 -4.43 3.67
C THR A 176 -25.32 -5.15 4.93
N HIS A 177 -26.27 -5.58 5.78
CA HIS A 177 -25.95 -6.31 6.99
C HIS A 177 -24.94 -5.51 7.81
N GLU A 178 -23.86 -6.18 8.26
CA GLU A 178 -22.83 -5.59 9.12
C GLU A 178 -22.18 -4.37 8.45
N TYR A 179 -22.14 -4.41 7.10
CA TYR A 179 -21.39 -3.43 6.33
C TYR A 179 -22.17 -2.13 6.12
N ALA A 180 -23.53 -2.20 6.24
CA ALA A 180 -24.35 -0.99 6.27
C ALA A 180 -23.86 -0.07 7.37
N SER A 181 -23.81 -0.60 8.60
CA SER A 181 -23.41 0.19 9.74
C SER A 181 -21.92 0.54 9.68
N MET A 182 -21.07 -0.40 9.25
CA MET A 182 -19.64 -0.12 9.08
C MET A 182 -19.45 1.09 8.19
N LYS A 183 -20.14 1.12 7.05
CA LYS A 183 -20.00 2.20 6.10
C LYS A 183 -20.24 3.52 6.82
N GLU A 184 -21.29 3.54 7.66
CA GLU A 184 -21.80 4.75 8.31
C GLU A 184 -20.82 5.31 9.32
N THR A 185 -20.30 4.42 10.17
CA THR A 185 -19.37 4.79 11.22
C THR A 185 -17.96 4.96 10.65
N LYS A 186 -17.49 3.99 9.84
CA LYS A 186 -16.07 3.86 9.53
C LYS A 186 -15.68 4.47 8.19
N GLY A 187 -16.64 4.72 7.30
CA GLY A 187 -16.36 5.16 5.93
C GLY A 187 -16.41 4.00 4.95
N GLU A 188 -16.72 4.29 3.69
CA GLU A 188 -16.80 3.25 2.67
C GLU A 188 -15.47 2.54 2.50
N ARG A 189 -14.34 3.25 2.66
CA ARG A 189 -13.04 2.65 2.34
C ARG A 189 -12.74 1.53 3.32
N ILE A 190 -12.91 1.79 4.62
CA ILE A 190 -12.61 0.78 5.64
C ILE A 190 -13.61 -0.37 5.54
N ALA A 191 -14.90 -0.05 5.47
CA ALA A 191 -15.94 -1.06 5.39
C ALA A 191 -15.69 -1.97 4.19
N LYS A 192 -15.41 -1.37 3.02
CA LYS A 192 -15.22 -2.15 1.82
C LYS A 192 -13.96 -3.02 1.95
N THR A 193 -12.88 -2.45 2.49
CA THR A 193 -11.67 -3.23 2.62
C THR A 193 -11.92 -4.44 3.52
N LEU A 194 -12.60 -4.24 4.66
CA LEU A 194 -12.80 -5.31 5.63
C LEU A 194 -13.69 -6.39 5.04
N GLY A 195 -14.67 -6.00 4.22
CA GLY A 195 -15.56 -6.99 3.68
C GLY A 195 -15.05 -7.67 2.41
N VAL A 196 -14.18 -7.03 1.62
CA VAL A 196 -13.80 -7.59 0.33
C VAL A 196 -12.53 -8.44 0.46
N THR A 197 -11.55 -7.99 1.24
CA THR A 197 -10.29 -8.72 1.40
C THR A 197 -9.90 -8.96 2.86
N GLY A 198 -10.54 -8.28 3.83
CA GLY A 198 -10.10 -8.36 5.20
C GLY A 198 -10.82 -9.43 6.00
N PRO A 199 -10.92 -9.24 7.32
CA PRO A 199 -11.50 -10.25 8.21
C PRO A 199 -12.97 -10.55 7.94
N GLY A 200 -13.73 -9.59 7.42
CA GLY A 200 -15.11 -9.86 7.01
C GLY A 200 -15.21 -10.84 5.85
N PHE A 201 -14.39 -10.62 4.81
CA PHE A 201 -14.19 -11.62 3.79
C PHE A 201 -13.78 -12.96 4.40
N LEU A 202 -12.79 -12.97 5.30
CA LEU A 202 -12.31 -14.23 5.83
C LEU A 202 -13.42 -14.96 6.60
N PHE A 203 -14.17 -14.22 7.42
CA PHE A 203 -15.29 -14.80 8.15
C PHE A 203 -16.23 -15.55 7.21
N HIS A 204 -16.72 -14.86 6.18
CA HIS A 204 -17.70 -15.42 5.27
C HIS A 204 -17.14 -16.65 4.57
N GLN A 205 -15.85 -16.59 4.20
CA GLN A 205 -15.23 -17.69 3.48
C GLN A 205 -15.10 -18.91 4.40
N LEU A 206 -14.63 -18.71 5.65
CA LEU A 206 -14.49 -19.81 6.59
C LEU A 206 -15.87 -20.44 6.89
N LYS A 207 -16.92 -19.64 6.89
CA LYS A 207 -18.30 -20.17 7.13
C LYS A 207 -18.70 -21.01 5.92
N LYS A 208 -18.44 -20.51 4.72
CA LYS A 208 -18.78 -21.27 3.48
C LYS A 208 -17.96 -22.57 3.42
N MET A 209 -16.73 -22.56 3.91
CA MET A 209 -15.93 -23.79 3.87
C MET A 209 -16.25 -24.73 5.03
N GLY A 210 -17.09 -24.31 5.98
CA GLY A 210 -17.40 -25.15 7.13
C GLY A 210 -16.34 -25.13 8.22
N ILE A 211 -15.35 -24.23 8.15
CA ILE A 211 -14.31 -24.14 9.18
C ILE A 211 -14.88 -23.47 10.43
N LEU A 212 -15.77 -22.49 10.21
CA LEU A 212 -16.59 -21.91 11.26
C LEU A 212 -17.99 -22.46 11.09
N ASN A 213 -18.64 -22.82 12.21
CA ASN A 213 -19.94 -23.48 12.18
C ASN A 213 -21.03 -22.44 12.45
N ASP A 214 -22.27 -22.96 12.62
CA ASP A 214 -23.48 -22.15 12.74
C ASP A 214 -23.48 -21.26 13.98
N LYS A 215 -22.67 -21.59 15.00
CA LYS A 215 -22.64 -20.81 16.24
C LYS A 215 -21.76 -19.56 16.10
N SER A 216 -21.00 -19.46 15.00
CA SER A 216 -20.06 -18.36 14.82
C SER A 216 -20.75 -17.21 14.10
N GLU A 217 -20.59 -15.99 14.63
CA GLU A 217 -21.12 -14.80 14.00
C GLU A 217 -20.01 -13.78 13.91
N MET A 218 -20.18 -12.79 13.03
CA MET A 218 -19.14 -11.81 12.78
C MET A 218 -18.78 -11.09 14.07
N GLU A 219 -19.78 -10.75 14.91
CA GLU A 219 -19.48 -9.95 16.09
C GLU A 219 -19.17 -10.89 17.26
N ALA A 220 -19.23 -12.21 17.03
CA ALA A 220 -19.04 -13.16 18.10
C ALA A 220 -18.64 -14.52 17.52
N ILE A 221 -17.33 -14.73 17.36
CA ILE A 221 -16.81 -15.88 16.62
C ILE A 221 -17.01 -17.16 17.42
N HIS A 222 -16.95 -17.05 18.75
CA HIS A 222 -17.19 -18.20 19.60
C HIS A 222 -16.25 -19.35 19.23
N TRP A 223 -14.92 -19.10 19.27
CA TRP A 223 -13.93 -20.16 19.04
C TRP A 223 -14.10 -21.33 20.00
N GLU A 224 -14.65 -21.06 21.19
CA GLU A 224 -14.78 -22.13 22.18
C GLU A 224 -15.83 -23.15 21.75
N LEU A 225 -16.69 -22.78 20.80
CA LEU A 225 -17.67 -23.67 20.18
C LEU A 225 -17.22 -24.17 18.81
N GLN A 226 -15.99 -23.85 18.39
CA GLN A 226 -15.53 -24.23 17.06
C GLN A 226 -14.57 -25.41 17.13
N ASP A 227 -14.08 -25.82 15.97
CA ASP A 227 -13.04 -26.85 15.94
C ASP A 227 -11.71 -26.18 16.21
N GLN A 228 -11.18 -26.39 17.41
CA GLN A 228 -10.01 -25.67 17.89
C GLN A 228 -8.72 -26.23 17.29
N ARG A 229 -8.80 -27.27 16.45
CA ARG A 229 -7.64 -27.79 15.76
C ARG A 229 -7.17 -26.83 14.65
N TYR A 230 -7.98 -25.81 14.34
CA TYR A 230 -7.57 -24.75 13.41
C TYR A 230 -6.86 -23.60 14.11
N LEU A 231 -6.69 -23.67 15.45
CA LEU A 231 -6.09 -22.61 16.22
C LEU A 231 -4.65 -22.98 16.58
N ILE A 232 -3.82 -21.96 16.63
CA ILE A 232 -2.48 -22.09 17.14
C ILE A 232 -2.60 -22.60 18.58
N ASP A 233 -1.76 -23.60 18.91
CA ASP A 233 -1.74 -24.23 20.21
C ASP A 233 -3.00 -25.07 20.43
N GLY A 234 -3.83 -25.23 19.40
CA GLY A 234 -5.11 -25.90 19.49
C GLY A 234 -6.04 -25.37 20.58
N SER A 235 -5.94 -24.08 20.90
CA SER A 235 -6.74 -23.55 21.98
C SER A 235 -7.21 -22.14 21.69
N VAL A 236 -8.38 -21.80 22.28
CA VAL A 236 -8.90 -20.44 22.32
C VAL A 236 -8.09 -19.58 23.28
N LYS A 237 -7.31 -20.19 24.17
CA LYS A 237 -6.54 -19.44 25.16
C LYS A 237 -5.62 -18.45 24.44
N GLU A 238 -5.33 -17.36 25.14
CA GLU A 238 -4.50 -16.29 24.61
C GLU A 238 -3.12 -16.87 24.31
N PRO A 239 -2.56 -16.73 23.09
CA PRO A 239 -1.22 -17.28 22.83
C PRO A 239 -0.17 -16.50 23.62
N ASP A 240 0.94 -17.16 23.97
CA ASP A 240 2.07 -16.49 24.59
C ASP A 240 2.81 -15.55 23.64
N TYR A 241 2.64 -15.72 22.32
CA TYR A 241 3.60 -15.18 21.36
C TYR A 241 3.39 -13.71 21.06
N PHE A 242 2.17 -13.19 21.21
CA PHE A 242 1.80 -11.93 20.59
C PHE A 242 1.42 -10.93 21.67
N TYR A 243 1.77 -9.66 21.41
CA TYR A 243 1.47 -8.58 22.34
C TYR A 243 1.23 -7.30 21.55
N VAL A 244 0.27 -6.48 21.95
CA VAL A 244 0.29 -5.07 21.58
C VAL A 244 0.04 -4.22 22.84
N PRO A 245 0.49 -2.95 22.84
CA PRO A 245 0.15 -2.03 23.92
C PRO A 245 -1.30 -1.55 23.84
N GLN A 246 -1.95 -1.42 24.99
CA GLN A 246 -3.27 -0.81 25.09
C GLN A 246 -3.35 0.45 24.24
N ASN A 247 -2.29 1.26 24.22
CA ASN A 247 -2.35 2.57 23.58
C ASN A 247 -2.10 2.49 22.08
N ASN A 248 -1.75 1.30 21.53
CA ASN A 248 -1.65 1.15 20.09
C ASN A 248 -1.87 -0.32 19.74
N THR A 249 -3.14 -0.71 19.62
CA THR A 249 -3.49 -2.10 19.33
C THR A 249 -3.21 -2.48 17.86
N ASN A 250 -3.11 -1.48 16.97
CA ASN A 250 -2.86 -1.69 15.55
C ASN A 250 -2.55 -0.36 14.90
N ASP A 251 -1.95 -0.36 13.68
CA ASP A 251 -1.45 0.87 13.09
C ASP A 251 -2.46 1.50 12.13
N ALA A 252 -3.38 0.73 11.53
CA ALA A 252 -4.25 1.23 10.47
C ALA A 252 -3.47 1.99 9.39
N SER A 253 -2.29 1.49 9.03
CA SER A 253 -1.39 2.23 8.15
C SER A 253 -1.92 2.34 6.72
N TRP A 254 -2.82 1.43 6.31
CA TRP A 254 -3.38 1.43 4.97
C TRP A 254 -4.55 2.39 4.78
N VAL A 255 -5.09 2.96 5.88
CA VAL A 255 -6.34 3.72 5.79
C VAL A 255 -6.14 4.99 4.98
N PRO A 256 -5.06 5.76 5.15
CA PRO A 256 -4.89 6.95 4.31
C PRO A 256 -4.76 6.52 2.85
N SER A 257 -5.37 7.31 1.95
CA SER A 257 -5.21 7.14 0.53
C SER A 257 -4.14 8.10 0.01
N ILE A 258 -3.03 7.52 -0.45
CA ILE A 258 -1.80 8.22 -0.73
C ILE A 258 -1.30 7.77 -2.11
N LYS A 259 -0.91 8.74 -2.94
CA LYS A 259 -0.29 8.43 -4.22
C LYS A 259 0.90 7.51 -4.01
N ARG A 260 1.02 6.50 -4.85
CA ARG A 260 2.18 5.61 -4.83
C ARG A 260 3.43 6.38 -5.28
N PRO A 261 4.63 5.88 -4.96
CA PRO A 261 5.86 6.64 -5.28
C PRO A 261 5.95 7.09 -6.74
N GLY A 262 6.31 8.37 -6.94
CA GLY A 262 6.82 8.83 -8.24
C GLY A 262 5.71 9.29 -9.19
N ILE A 263 4.45 9.23 -8.75
CA ILE A 263 3.33 9.60 -9.62
C ILE A 263 3.55 11.05 -10.10
N GLU A 264 3.94 11.92 -9.17
CA GLU A 264 4.14 13.34 -9.47
C GLU A 264 5.27 13.58 -10.46
N ASN A 265 6.13 12.57 -10.68
CA ASN A 265 7.24 12.68 -11.60
C ASN A 265 6.97 12.02 -12.93
N MET A 266 5.80 11.39 -13.09
CA MET A 266 5.47 10.72 -14.34
C MET A 266 4.89 11.73 -15.32
N SER A 267 5.08 11.44 -16.61
CA SER A 267 4.42 12.22 -17.62
C SER A 267 2.92 11.94 -17.61
N PHE A 268 2.17 12.91 -18.13
CA PHE A 268 0.75 12.72 -18.35
C PHE A 268 0.48 11.48 -19.19
N GLN A 269 1.27 11.25 -20.26
CA GLN A 269 1.05 10.16 -21.19
C GLN A 269 1.26 8.83 -20.47
N GLU A 270 2.25 8.76 -19.57
CA GLU A 270 2.51 7.55 -18.83
C GLU A 270 1.34 7.26 -17.89
N ARG A 271 0.87 8.29 -17.22
CA ARG A 271 -0.23 8.14 -16.29
C ARG A 271 -1.51 7.76 -17.01
N LEU A 272 -1.75 8.38 -18.18
CA LEU A 272 -2.93 8.07 -18.96
C LEU A 272 -2.93 6.62 -19.42
N GLU A 273 -1.79 6.14 -19.94
CA GLU A 273 -1.66 4.78 -20.39
C GLU A 273 -1.84 3.79 -19.24
N ASN A 274 -1.31 4.10 -18.06
CA ASN A 274 -1.55 3.29 -16.88
C ASN A 274 -3.07 3.15 -16.64
N ALA A 275 -3.82 4.27 -16.66
CA ALA A 275 -5.26 4.26 -16.41
C ALA A 275 -5.97 3.40 -17.45
N VAL A 276 -5.55 3.51 -18.71
CA VAL A 276 -6.16 2.75 -19.79
C VAL A 276 -5.98 1.26 -19.56
N GLN A 277 -4.76 0.84 -19.19
CA GLN A 277 -4.50 -0.58 -18.95
C GLN A 277 -5.34 -1.04 -17.77
N LEU A 278 -5.45 -0.21 -16.75
CA LEU A 278 -6.21 -0.59 -15.58
C LEU A 278 -7.69 -0.72 -15.95
N ILE A 279 -8.20 0.27 -16.67
CA ILE A 279 -9.58 0.23 -17.13
C ILE A 279 -9.83 -1.03 -17.95
N ALA A 280 -8.94 -1.37 -18.89
CA ALA A 280 -9.07 -2.56 -19.69
C ALA A 280 -9.25 -3.81 -18.83
N PHE A 281 -8.47 -3.92 -17.77
CA PHE A 281 -8.60 -5.04 -16.87
C PHE A 281 -10.01 -5.06 -16.25
N ASP A 282 -10.49 -3.92 -15.74
CA ASP A 282 -11.81 -3.85 -15.13
C ASP A 282 -12.86 -4.32 -16.13
N ILE A 283 -12.74 -3.87 -17.39
CA ILE A 283 -13.74 -4.18 -18.39
C ILE A 283 -13.72 -5.66 -18.74
N GLN A 284 -12.53 -6.19 -18.99
CA GLN A 284 -12.38 -7.60 -19.37
C GLN A 284 -12.88 -8.54 -18.28
N LYS A 285 -12.68 -8.18 -17.03
CA LYS A 285 -12.98 -9.10 -15.94
C LYS A 285 -14.43 -8.94 -15.46
N THR A 286 -14.97 -7.70 -15.47
CA THR A 286 -16.27 -7.48 -14.86
C THR A 286 -17.23 -6.79 -15.82
N GLY A 287 -16.75 -6.22 -16.91
CA GLY A 287 -17.62 -5.40 -17.73
C GLY A 287 -17.92 -3.99 -17.21
N LEU A 288 -17.31 -3.57 -16.08
CA LEU A 288 -17.53 -2.24 -15.53
C LEU A 288 -16.38 -1.28 -15.87
N PHE A 289 -16.75 -0.11 -16.41
CA PHE A 289 -15.85 0.98 -16.79
C PHE A 289 -16.10 2.13 -15.79
N ASN A 290 -15.34 2.18 -14.69
CA ASN A 290 -15.57 3.18 -13.68
C ASN A 290 -14.74 4.45 -13.97
N LEU A 291 -15.28 5.28 -14.85
CA LEU A 291 -14.48 6.33 -15.47
C LEU A 291 -13.98 7.33 -14.44
N ASP A 292 -14.85 7.70 -13.48
CA ASP A 292 -14.58 8.85 -12.61
C ASP A 292 -13.45 8.53 -11.62
N HIS A 293 -13.33 7.27 -11.22
CA HIS A 293 -12.25 6.86 -10.35
C HIS A 293 -10.92 7.24 -11.02
N TYR A 294 -10.79 6.89 -12.27
CA TYR A 294 -9.52 7.07 -12.93
C TYR A 294 -9.26 8.54 -13.22
N ALA A 295 -10.29 9.27 -13.63
CA ALA A 295 -10.11 10.66 -14.03
C ALA A 295 -9.79 11.49 -12.78
N ASN A 296 -10.40 11.12 -11.64
CA ASN A 296 -10.19 11.83 -10.40
C ASN A 296 -8.81 11.55 -9.81
N GLU A 297 -8.22 10.36 -10.03
CA GLU A 297 -6.81 10.14 -9.70
C GLU A 297 -5.91 11.00 -10.63
N LEU A 298 -6.16 10.94 -11.93
CA LEU A 298 -5.26 11.51 -12.93
C LEU A 298 -5.20 13.03 -12.85
N LYS A 299 -6.21 13.67 -12.27
CA LYS A 299 -6.29 15.11 -12.26
C LYS A 299 -5.32 15.70 -11.25
N VAL A 300 -4.79 14.84 -10.33
CA VAL A 300 -3.91 15.30 -9.28
C VAL A 300 -2.49 15.40 -9.83
N LYS A 301 -1.93 16.63 -9.76
CA LYS A 301 -0.54 16.89 -10.06
C LYS A 301 0.13 17.61 -8.90
N GLN A 302 0.89 16.85 -8.10
CA GLN A 302 1.73 17.42 -7.06
C GLN A 302 3.09 17.77 -7.66
N ASN A 303 3.95 18.42 -6.87
CA ASN A 303 5.23 18.92 -7.35
C ASN A 303 6.10 17.80 -7.86
N SER A 304 6.65 17.97 -9.07
CA SER A 304 7.76 17.18 -9.54
C SER A 304 9.03 17.58 -8.81
N TRP A 305 9.96 16.63 -8.69
CA TRP A 305 11.14 16.84 -7.87
C TRP A 305 12.19 15.79 -8.21
N CYS A 306 13.41 16.11 -7.78
CA CYS A 306 14.58 15.33 -8.03
C CYS A 306 15.68 15.72 -7.03
N ILE A 307 16.34 14.71 -6.45
CA ILE A 307 17.48 14.90 -5.57
C ILE A 307 18.68 14.33 -6.32
N ALA A 308 19.73 15.15 -6.52
CA ALA A 308 20.88 14.70 -7.28
C ALA A 308 22.18 15.08 -6.57
N ALA A 309 23.29 14.61 -7.15
CA ALA A 309 24.63 14.98 -6.73
C ALA A 309 25.12 16.20 -7.52
N GLU A 310 24.68 16.33 -8.79
CA GLU A 310 25.07 17.44 -9.66
C GLU A 310 23.90 17.83 -10.56
N THR A 311 24.04 18.98 -11.26
CA THR A 311 23.08 19.42 -12.26
C THR A 311 23.20 18.55 -13.51
N SER A 312 22.05 18.03 -13.96
CA SER A 312 22.00 17.08 -15.06
C SER A 312 22.09 17.81 -16.40
N PRO A 313 22.31 17.08 -17.53
CA PRO A 313 22.03 17.62 -18.86
C PRO A 313 20.54 17.97 -18.98
N GLU A 314 19.66 16.99 -18.70
CA GLU A 314 18.23 17.16 -18.89
C GLU A 314 17.55 17.42 -17.54
N LEU A 315 16.79 18.54 -17.50
CA LEU A 315 16.02 18.97 -16.35
C LEU A 315 14.53 18.85 -16.67
N LYS A 316 13.71 18.74 -15.62
CA LYS A 316 12.26 18.69 -15.80
C LYS A 316 11.68 20.08 -15.57
N PRO A 317 10.99 20.69 -16.56
CA PRO A 317 10.37 21.99 -16.34
C PRO A 317 9.34 21.91 -15.21
N ASP A 318 9.26 23.01 -14.43
CA ASP A 318 8.28 23.18 -13.36
C ASP A 318 8.47 22.06 -12.33
N SER A 319 9.61 22.12 -11.62
CA SER A 319 10.02 21.08 -10.69
C SER A 319 11.00 21.64 -9.68
N TYR A 320 11.25 20.85 -8.63
CA TYR A 320 12.32 21.14 -7.69
C TYR A 320 13.52 20.24 -7.95
N LEU A 321 14.70 20.85 -7.86
CA LEU A 321 15.97 20.14 -7.96
C LEU A 321 16.77 20.43 -6.70
N LEU A 322 17.06 19.36 -5.94
CA LEU A 322 17.76 19.48 -4.66
C LEU A 322 19.14 18.87 -4.82
N ILE A 323 20.19 19.64 -4.44
CA ILE A 323 21.55 19.17 -4.65
C ILE A 323 22.21 18.91 -3.30
N ARG A 324 22.72 17.68 -3.15
CA ARG A 324 23.39 17.25 -1.93
C ARG A 324 24.70 18.01 -1.77
N PRO A 325 25.09 18.37 -0.53
CA PRO A 325 26.44 18.81 -0.23
C PRO A 325 27.52 17.85 -0.72
N ARG A 326 28.72 18.35 -1.02
CA ARG A 326 29.77 17.44 -1.55
C ARG A 326 30.49 16.82 -0.36
N ASP A 327 30.36 17.47 0.80
CA ASP A 327 31.01 16.97 2.04
C ASP A 327 30.01 17.11 3.17
N LYS A 328 30.16 16.30 4.23
CA LYS A 328 29.15 16.29 5.33
C LYS A 328 28.97 17.68 5.91
N THR A 329 29.96 18.56 5.73
CA THR A 329 29.88 19.89 6.38
C THR A 329 29.32 20.91 5.38
N GLY A 330 29.13 20.52 4.12
CA GLY A 330 28.68 21.47 3.08
C GLY A 330 27.25 21.93 3.24
N GLU A 331 26.76 22.69 2.25
CA GLU A 331 25.37 23.20 2.27
C GLU A 331 24.57 22.57 1.13
N TRP A 332 23.26 22.48 1.29
CA TRP A 332 22.39 21.92 0.23
C TRP A 332 21.96 23.05 -0.70
N THR A 333 21.73 22.75 -1.97
CA THR A 333 21.15 23.76 -2.83
C THR A 333 19.83 23.26 -3.40
N LEU A 334 18.78 24.06 -3.18
CA LEU A 334 17.48 23.86 -3.79
C LEU A 334 17.30 24.88 -4.90
N TYR A 335 16.90 24.36 -6.06
CA TYR A 335 16.43 25.17 -7.17
C TYR A 335 14.99 24.86 -7.51
N TYR A 336 14.26 25.91 -7.91
CA TYR A 336 13.00 25.78 -8.63
C TYR A 336 13.29 25.87 -10.13
N VAL A 337 13.14 24.74 -10.85
CA VAL A 337 13.32 24.70 -12.28
C VAL A 337 12.01 25.19 -12.90
N ASP A 338 12.05 26.37 -13.55
CA ASP A 338 10.83 27.02 -13.99
C ASP A 338 10.34 26.38 -15.29
N GLU A 339 9.25 26.92 -15.83
CA GLU A 339 8.58 26.30 -16.96
C GLU A 339 9.39 26.47 -18.25
N ASP A 340 10.51 27.23 -18.21
CA ASP A 340 11.45 27.32 -19.33
C ASP A 340 12.75 26.59 -19.01
N LYS A 341 12.73 25.69 -18.02
CA LYS A 341 13.88 24.86 -17.67
C LYS A 341 15.06 25.70 -17.16
N LYS A 342 14.79 26.86 -16.56
CA LYS A 342 15.87 27.66 -15.98
C LYS A 342 15.89 27.48 -14.46
N LEU A 343 17.12 27.38 -13.93
CA LEU A 343 17.35 27.20 -12.52
C LEU A 343 17.10 28.51 -11.77
N ASN A 344 16.30 28.44 -10.70
CA ASN A 344 16.03 29.57 -9.83
C ASN A 344 16.45 29.17 -8.43
N PRO A 345 17.61 29.66 -7.92
CA PRO A 345 18.11 29.24 -6.61
C PRO A 345 17.08 29.69 -5.58
N VAL A 346 16.62 28.74 -4.77
CA VAL A 346 15.66 29.06 -3.68
C VAL A 346 16.47 29.28 -2.42
N THR A 347 16.16 30.36 -1.69
CA THR A 347 16.95 30.70 -0.48
C THR A 347 16.39 29.94 0.72
N LEU A 348 17.20 29.08 1.31
CA LEU A 348 16.76 28.36 2.53
C LEU A 348 17.02 29.27 3.73
N PRO A 349 15.98 29.67 4.46
CA PRO A 349 16.13 30.58 5.60
C PRO A 349 16.93 30.04 6.79
N VAL A 350 17.57 30.93 7.56
CA VAL A 350 18.40 30.53 8.73
C VAL A 350 17.51 29.84 9.77
N ILE A 351 17.90 28.66 10.22
CA ILE A 351 17.06 27.85 11.16
C ILE A 351 17.08 28.47 12.55
N LYS A 352 18.27 28.81 13.06
CA LYS A 352 18.38 29.30 14.47
C LYS A 352 17.68 30.65 14.59
N GLY A 353 18.01 31.63 13.76
CA GLY A 353 17.55 33.03 13.99
C GLY A 353 16.18 33.48 13.52
N ALA A 354 15.10 32.78 13.90
CA ALA A 354 13.74 33.24 13.55
C ALA A 354 12.71 32.70 14.55
N ILE A 355 12.33 33.51 15.54
CA ILE A 355 11.42 33.02 16.62
C ILE A 355 9.98 33.53 16.41
N LYS A 356 9.72 34.28 15.34
CA LYS A 356 8.35 34.76 15.01
C LYS A 356 7.52 33.58 14.52
N LEU A 357 6.26 33.49 14.94
CA LEU A 357 5.40 32.32 14.59
C LEU A 357 5.27 32.18 13.07
N SER A 358 5.32 33.29 12.33
CA SER A 358 5.22 33.29 10.86
C SER A 358 6.46 32.62 10.28
N GLU A 359 7.61 32.87 10.90
CA GLU A 359 8.89 32.30 10.42
C GLU A 359 8.94 30.81 10.77
N VAL A 360 8.38 30.43 11.92
CA VAL A 360 8.35 29.00 12.34
C VAL A 360 7.51 28.22 11.32
N SER A 361 6.42 28.81 10.86
CA SER A 361 5.51 28.14 9.91
C SER A 361 6.08 28.20 8.48
N ASP A 362 7.15 28.96 8.26
CA ASP A 362 7.64 29.13 6.87
C ASP A 362 7.94 27.75 6.28
N PRO A 363 7.33 27.40 5.14
CA PRO A 363 7.60 26.12 4.50
C PRO A 363 9.12 25.92 4.26
N LEU A 364 9.81 26.94 3.78
CA LEU A 364 11.26 26.82 3.44
C LEU A 364 12.12 26.68 4.71
N ARG A 365 11.72 27.31 5.82
CA ARG A 365 12.47 27.15 7.09
C ARG A 365 12.28 25.72 7.59
N LYS A 366 11.05 25.23 7.57
CA LYS A 366 10.76 23.84 8.00
C LYS A 366 11.53 22.86 7.11
N PHE A 367 11.65 23.18 5.81
CA PHE A 367 12.43 22.31 4.90
C PHE A 367 13.90 22.32 5.32
N HIS A 368 14.47 23.51 5.53
CA HIS A 368 15.91 23.61 5.88
C HIS A 368 16.16 22.83 7.18
N THR A 369 15.24 22.94 8.14
CA THR A 369 15.38 22.22 9.44
C THR A 369 15.40 20.72 9.16
N LEU A 370 14.55 20.26 8.23
CA LEU A 370 14.55 18.85 7.84
C LEU A 370 15.92 18.47 7.31
N LEU A 371 16.42 19.23 6.33
CA LEU A 371 17.74 18.94 5.76
C LEU A 371 18.80 18.92 6.84
N SER A 372 18.68 19.81 7.84
CA SER A 372 19.69 19.93 8.88
C SER A 372 19.69 18.70 9.79
N GLN A 373 18.56 17.99 9.90
CA GLN A 373 18.51 16.78 10.71
C GLN A 373 19.13 15.58 9.99
N VAL A 374 19.48 15.73 8.71
CA VAL A 374 20.02 14.59 7.95
C VAL A 374 21.39 14.21 8.50
N SER A 375 21.57 12.91 8.80
CA SER A 375 22.74 12.38 9.49
C SER A 375 24.02 12.57 8.67
N ASP A 376 24.04 12.06 7.44
CA ASP A 376 25.13 12.30 6.52
C ASP A 376 24.54 12.75 5.18
N PRO A 377 24.46 14.08 4.94
CA PRO A 377 23.98 14.64 3.68
C PRO A 377 24.62 14.18 2.38
N VAL A 378 25.83 13.60 2.44
CA VAL A 378 26.44 13.05 1.23
C VAL A 378 25.75 11.73 0.91
N ASN A 379 25.43 10.96 1.96
CA ASN A 379 24.84 9.63 1.80
C ASN A 379 23.60 9.55 2.67
N PRO A 380 22.49 10.20 2.27
CA PRO A 380 21.26 10.11 3.05
C PRO A 380 20.73 8.68 3.08
N THR A 381 20.09 8.31 4.18
CA THR A 381 19.49 6.98 4.31
C THR A 381 18.23 6.91 3.44
N ALA A 382 17.66 5.70 3.32
CA ALA A 382 16.43 5.49 2.60
C ALA A 382 15.31 6.30 3.28
N HIS A 383 15.31 6.36 4.61
CA HIS A 383 14.25 7.04 5.33
C HIS A 383 14.41 8.55 5.24
N GLU A 384 15.66 9.04 5.27
CA GLU A 384 15.92 10.45 5.03
C GLU A 384 15.46 10.86 3.65
N LEU A 385 15.77 10.05 2.62
CA LEU A 385 15.30 10.36 1.27
C LEU A 385 13.77 10.36 1.17
N LYS A 386 13.14 9.44 1.91
CA LYS A 386 11.69 9.34 1.93
C LYS A 386 11.11 10.65 2.46
N GLN A 387 11.66 11.14 3.57
CA GLN A 387 11.12 12.34 4.22
C GLN A 387 11.43 13.59 3.37
N ILE A 388 12.61 13.65 2.74
CA ILE A 388 12.93 14.79 1.89
C ILE A 388 11.98 14.83 0.70
N GLY A 389 11.79 13.67 0.06
CA GLY A 389 10.89 13.54 -1.07
C GLY A 389 9.48 13.95 -0.69
N ARG A 390 9.01 13.53 0.48
CA ARG A 390 7.66 13.91 0.99
C ARG A 390 7.59 15.45 1.13
N ALA A 391 8.61 16.07 1.72
CA ALA A 391 8.63 17.51 1.88
C ALA A 391 8.58 18.20 0.52
N LEU A 392 9.37 17.72 -0.47
CA LEU A 392 9.40 18.38 -1.77
C LEU A 392 8.09 18.24 -2.53
N ILE A 393 7.39 17.10 -2.37
CA ILE A 393 6.11 16.88 -3.05
C ILE A 393 5.09 17.96 -2.62
N GLU A 394 5.10 18.32 -1.33
CA GLU A 394 4.13 19.20 -0.71
C GLU A 394 4.66 20.62 -0.41
N LEU A 395 5.90 20.89 -0.80
CA LEU A 395 6.50 22.20 -0.55
C LEU A 395 5.75 23.26 -1.35
N LYS A 396 5.22 24.26 -0.62
CA LYS A 396 4.53 25.38 -1.24
C LYS A 396 5.10 26.67 -0.64
N PRO A 397 6.18 27.25 -1.19
CA PRO A 397 6.75 28.44 -0.59
C PRO A 397 5.76 29.61 -0.62
N ARG A 398 5.93 30.54 0.32
CA ARG A 398 5.21 31.82 0.27
C ARG A 398 5.61 32.64 -0.95
N GLN A 399 6.84 32.48 -1.47
CA GLN A 399 7.33 33.19 -2.65
C GLN A 399 6.81 32.54 -3.92
N ASP A 400 5.98 33.25 -4.68
CA ASP A 400 5.36 32.74 -5.90
C ASP A 400 6.40 32.32 -6.95
N GLU A 401 7.57 32.98 -6.95
CA GLU A 401 8.61 32.75 -7.94
C GLU A 401 9.28 31.40 -7.73
N TRP A 402 9.03 30.79 -6.56
CA TRP A 402 9.65 29.52 -6.18
C TRP A 402 8.59 28.45 -5.92
N HIS A 403 7.37 28.68 -6.39
CA HIS A 403 6.22 27.79 -6.20
C HIS A 403 5.97 27.08 -7.53
N CYS A 404 5.86 25.75 -7.51
CA CYS A 404 5.61 25.01 -8.73
C CYS A 404 4.22 25.39 -9.24
N LYS A 405 4.05 25.29 -10.55
CA LYS A 405 2.82 25.69 -11.21
C LYS A 405 1.83 24.52 -11.28
N ASN A 406 2.30 23.34 -11.72
CA ASN A 406 1.47 22.14 -11.71
C ASN A 406 0.24 22.34 -12.60
N LYS A 407 0.43 23.00 -13.75
CA LYS A 407 -0.65 23.15 -14.70
C LYS A 407 -0.95 21.77 -15.28
N TRP A 408 -2.24 21.43 -15.36
CA TRP A 408 -2.66 20.07 -15.62
C TRP A 408 -4.10 20.11 -16.13
N SER A 409 -4.46 19.16 -16.98
CA SER A 409 -5.84 18.98 -17.40
C SER A 409 -6.75 18.70 -16.21
N GLY A 410 -8.01 19.14 -16.35
CA GLY A 410 -9.05 18.96 -15.35
C GLY A 410 -9.66 17.57 -15.49
N ALA A 411 -10.44 17.17 -14.48
CA ALA A 411 -11.00 15.82 -14.39
C ALA A 411 -11.83 15.47 -15.62
N GLU A 412 -12.72 16.39 -16.05
CA GLU A 412 -13.66 16.08 -17.11
C GLU A 412 -12.95 15.90 -18.46
N GLU A 413 -11.97 16.74 -18.75
CA GLU A 413 -11.20 16.64 -19.98
C GLU A 413 -10.48 15.28 -20.02
N ILE A 414 -9.85 14.89 -18.89
CA ILE A 414 -9.20 13.59 -18.79
C ILE A 414 -10.21 12.47 -19.03
N ALA A 415 -11.40 12.54 -18.41
CA ALA A 415 -12.41 11.50 -18.58
C ALA A 415 -12.80 11.38 -20.06
N GLN A 416 -12.89 12.50 -20.75
CA GLN A 416 -13.22 12.47 -22.16
C GLN A 416 -12.13 11.75 -22.95
N GLU A 417 -10.87 11.98 -22.58
CA GLU A 417 -9.76 11.35 -23.27
C GLU A 417 -9.75 9.84 -23.02
N LEU A 418 -9.98 9.44 -21.76
CA LEU A 418 -10.08 8.03 -21.43
C LEU A 418 -11.26 7.40 -22.16
N TRP A 419 -12.40 8.10 -22.21
CA TRP A 419 -13.57 7.56 -22.86
C TRP A 419 -13.25 7.24 -24.32
N GLN A 420 -12.65 8.20 -25.00
CA GLN A 420 -12.32 8.02 -26.40
C GLN A 420 -11.33 6.90 -26.61
N ARG A 421 -10.27 6.86 -25.79
CA ARG A 421 -9.27 5.82 -25.95
C ARG A 421 -9.91 4.45 -25.78
N ILE A 422 -10.70 4.23 -24.72
CA ILE A 422 -11.24 2.90 -24.46
C ILE A 422 -12.27 2.52 -25.54
N THR A 423 -13.22 3.40 -25.84
CA THR A 423 -14.33 3.03 -26.70
C THR A 423 -13.91 2.96 -28.17
N SER A 424 -12.77 3.52 -28.52
CA SER A 424 -12.29 3.39 -29.89
C SER A 424 -11.69 2.01 -30.15
N ASN A 425 -11.37 1.25 -29.09
CA ASN A 425 -11.01 -0.15 -29.19
C ASN A 425 -12.31 -0.95 -29.25
N GLU A 426 -12.57 -1.61 -30.39
CA GLU A 426 -13.85 -2.24 -30.67
C GLU A 426 -14.08 -3.42 -29.74
N THR A 427 -13.03 -4.19 -29.45
CA THR A 427 -13.04 -5.33 -28.54
C THR A 427 -13.44 -4.92 -27.12
N LEU A 428 -12.72 -3.96 -26.53
CA LEU A 428 -13.10 -3.46 -25.21
C LEU A 428 -14.50 -2.86 -25.27
N ARG A 429 -14.80 -2.08 -26.31
CA ARG A 429 -16.09 -1.41 -26.33
C ARG A 429 -17.17 -2.47 -26.20
N ALA A 430 -16.97 -3.63 -26.86
CA ALA A 430 -17.98 -4.66 -26.88
C ALA A 430 -18.09 -5.37 -25.54
N GLN A 431 -17.09 -5.25 -24.66
CA GLN A 431 -17.06 -5.98 -23.41
C GLN A 431 -17.62 -5.15 -22.26
N ILE A 432 -17.85 -3.86 -22.49
CA ILE A 432 -18.45 -2.99 -21.49
C ILE A 432 -19.90 -3.36 -21.27
N LYS A 433 -20.26 -3.52 -19.98
CA LYS A 433 -21.64 -3.72 -19.59
C LYS A 433 -22.17 -2.52 -18.82
N GLN A 434 -21.32 -1.85 -18.03
CA GLN A 434 -21.75 -0.67 -17.33
C GLN A 434 -20.60 0.32 -17.20
N CYS A 435 -20.92 1.61 -17.27
CA CYS A 435 -19.94 2.66 -17.06
C CYS A 435 -20.47 3.59 -15.98
N PHE A 436 -19.66 3.89 -14.95
CA PHE A 436 -20.03 4.86 -13.94
C PHE A 436 -19.34 6.18 -14.23
N THR A 437 -20.14 7.20 -14.57
CA THR A 437 -19.64 8.57 -14.63
C THR A 437 -20.73 9.54 -14.17
N GLN A 438 -20.30 10.63 -13.53
CA GLN A 438 -21.21 11.74 -13.24
C GLN A 438 -20.86 12.97 -14.06
N PHE A 439 -19.90 12.87 -14.99
CA PHE A 439 -19.55 14.00 -15.83
C PHE A 439 -20.69 14.27 -16.82
N GLU A 440 -21.09 15.54 -16.88
CA GLU A 440 -22.22 15.97 -17.68
C GLU A 440 -21.96 15.72 -19.17
N SER A 441 -20.73 15.93 -19.64
CA SER A 441 -20.45 15.73 -21.05
C SER A 441 -20.47 14.24 -21.42
N LEU A 442 -20.46 13.33 -20.42
CA LEU A 442 -20.21 11.94 -20.73
C LEU A 442 -21.40 11.04 -20.43
N LYS A 443 -22.18 11.38 -19.38
CA LYS A 443 -23.39 10.65 -19.05
C LYS A 443 -24.21 10.31 -20.30
N PRO A 444 -24.40 11.24 -21.26
CA PRO A 444 -25.03 10.92 -22.54
C PRO A 444 -24.26 10.00 -23.49
N ARG A 445 -22.92 10.02 -23.46
CA ARG A 445 -22.15 9.12 -24.32
C ARG A 445 -22.30 7.70 -23.79
N VAL A 446 -22.49 7.57 -22.47
CA VAL A 446 -22.71 6.29 -21.80
C VAL A 446 -24.07 5.71 -22.17
N ALA A 447 -25.13 6.55 -22.20
CA ALA A 447 -26.45 6.13 -22.67
C ALA A 447 -26.39 5.60 -24.10
N GLU A 448 -25.73 6.35 -24.99
CA GLU A 448 -25.68 6.02 -26.40
C GLU A 448 -24.96 4.69 -26.67
N LEU A 449 -23.98 4.33 -25.84
CA LEU A 449 -23.35 3.03 -25.93
C LEU A 449 -24.29 1.99 -25.32
N GLY A 450 -24.95 2.35 -24.21
CA GLY A 450 -25.83 1.44 -23.49
C GLY A 450 -26.90 0.84 -24.40
N LEU A 451 -27.35 1.65 -25.38
CA LEU A 451 -28.42 1.28 -26.30
C LEU A 451 -27.85 0.61 -27.55
N GLU A 452 -26.66 1.02 -28.02
CA GLU A 452 -25.89 0.33 -29.06
C GLU A 452 -25.85 -1.18 -28.80
N HIS A 453 -25.61 -1.60 -27.54
CA HIS A 453 -25.57 -3.00 -27.16
C HIS A 453 -26.98 -3.60 -27.22
#